data_1OBD
#
_entry.id   1OBD
#
_cell.length_a   61.480
_cell.length_b   63.050
_cell.length_c   79.820
_cell.angle_alpha   90.00
_cell.angle_beta   90.00
_cell.angle_gamma   90.00
#
_symmetry.space_group_name_H-M   'P 21 21 21'
#
loop_
_entity.id
_entity.type
_entity.pdbx_description
1 polymer 'PHOSPHORIBOSYLAMIDOIMIDAZOLE- SUCCINOCARBOXAMIDE SYNTHASE'
2 non-polymer "ADENOSINE-5'-TRIPHOSPHATE"
3 non-polymer 'SULFATE ION'
4 non-polymer 'MAGNESIUM ION'
5 non-polymer 'ADENOSINE MONOPHOSPHATE'
6 water water
#
_entity_poly.entity_id   1
_entity_poly.type   'polypeptide(L)'
_entity_poly.pdbx_seq_one_letter_code
;(ACE)SITKTELDGILPLVARGKVRDIYEVDAGTLLFVATDRISAYDVIMENSIPEKGILLTKLSEFWFKFLSNDVRNHL
VDIAPGKTIFDYLPAKLSEPKYKTQLEDRSLLVHKHKLIPLEVIVRGYITGSAWKEYVKTGTVHGLKQPQGLKESQEFPE
PIFTPSTKAEQGEHDENISPAQAAELVGEDLSRRVAELAVKLYSKCKDYAKEKGIIIADTKFEFGIDEKTNEIILVDEVL
TPDSSRFWNGASYKVGESQDSYDKQFLRDWLTANKLNGVNGVKMPQDIVDRTRAKYIEAYETLTGSKWSH
;
_entity_poly.pdbx_strand_id   A
#
loop_
_chem_comp.id
_chem_comp.type
_chem_comp.name
_chem_comp.formula
ACE non-polymer 'ACETYL GROUP' 'C2 H4 O'
AMP non-polymer 'ADENOSINE MONOPHOSPHATE' 'C10 H14 N5 O7 P'
ATP non-polymer ADENOSINE-5'-TRIPHOSPHATE 'C10 H16 N5 O13 P3'
MG non-polymer 'MAGNESIUM ION' 'Mg 2'
SO4 non-polymer 'SULFATE ION' 'O4 S -2'
#
# COMPACT_ATOMS: atom_id res chain seq x y z
C ACE A 1 -12.83 12.72 12.00
O ACE A 1 -11.59 12.74 12.12
CH3 ACE A 1 -13.78 13.19 13.08
N SER A 2 -13.45 12.44 10.88
CA SER A 2 -12.71 11.97 9.72
C SER A 2 -11.84 13.10 9.17
N ILE A 3 -10.69 12.74 8.62
CA ILE A 3 -9.73 13.69 8.06
C ILE A 3 -9.62 13.41 6.58
N THR A 4 -10.03 14.38 5.77
CA THR A 4 -9.98 14.33 4.32
C THR A 4 -8.73 14.96 3.75
N LYS A 5 -8.37 16.14 4.26
CA LYS A 5 -7.25 16.94 3.78
C LYS A 5 -6.68 17.64 4.97
N THR A 6 -5.41 17.41 5.21
CA THR A 6 -4.75 18.05 6.33
C THR A 6 -4.49 19.51 6.07
N GLU A 7 -4.64 20.32 7.12
CA GLU A 7 -4.48 21.77 7.05
C GLU A 7 -3.59 22.18 8.22
N LEU A 8 -2.28 22.27 7.96
CA LEU A 8 -1.30 22.56 9.02
C LEU A 8 -0.80 24.02 9.01
N ASP A 9 -1.44 24.87 8.20
CA ASP A 9 -1.21 26.32 8.27
C ASP A 9 0.27 26.70 8.13
N GLY A 10 0.97 25.97 7.30
CA GLY A 10 2.38 26.21 7.04
C GLY A 10 3.34 25.81 8.14
N ILE A 11 2.87 25.15 9.20
CA ILE A 11 3.74 24.84 10.32
C ILE A 11 4.89 23.92 9.87
N LEU A 12 4.60 23.01 8.95
CA LEU A 12 5.62 22.25 8.24
C LEU A 12 5.34 22.45 6.76
N PRO A 13 6.38 22.46 5.93
CA PRO A 13 6.20 22.52 4.48
C PRO A 13 5.67 21.20 3.94
N LEU A 14 4.82 21.29 2.94
CA LEU A 14 4.35 20.11 2.24
C LEU A 14 5.38 19.64 1.27
N VAL A 15 5.57 18.33 1.20
CA VAL A 15 6.39 17.70 0.20
C VAL A 15 5.54 17.18 -0.94
N ALA A 16 4.39 16.59 -0.63
CA ALA A 16 3.53 16.03 -1.63
C ALA A 16 2.16 15.77 -1.06
N ARG A 17 1.10 15.75 -1.89
CA ARG A 17 -0.15 15.03 -1.56
C ARG A 17 -0.43 13.96 -2.59
N GLY A 18 -0.53 12.70 -2.21
CA GLY A 18 -0.88 11.59 -3.07
C GLY A 18 -2.40 11.42 -3.11
N LYS A 19 -2.86 10.28 -3.56
CA LYS A 19 -4.29 9.99 -3.60
C LYS A 19 -4.84 10.02 -2.18
N VAL A 20 -4.05 9.56 -1.24
CA VAL A 20 -4.53 9.30 0.09
C VAL A 20 -3.66 9.90 1.17
N ARG A 21 -2.39 10.11 0.93
CA ARG A 21 -1.48 10.59 1.96
C ARG A 21 -0.97 12.00 1.69
N ASP A 22 -0.80 12.76 2.77
CA ASP A 22 -0.18 14.08 2.78
C ASP A 22 1.18 13.92 3.41
N ILE A 23 2.23 14.37 2.75
CA ILE A 23 3.61 14.21 3.20
C ILE A 23 4.20 15.58 3.51
N TYR A 24 4.66 15.75 4.74
CA TYR A 24 5.28 16.97 5.20
C TYR A 24 6.78 16.78 5.52
N GLU A 25 7.56 17.84 5.43
CA GLU A 25 8.94 17.81 5.83
C GLU A 25 9.10 18.25 7.27
N VAL A 26 9.66 17.40 8.12
CA VAL A 26 9.85 17.72 9.50
C VAL A 26 11.21 18.40 9.71
N ASP A 27 12.24 17.90 9.07
CA ASP A 27 13.56 18.52 9.14
C ASP A 27 14.36 17.95 7.99
N ALA A 28 15.66 18.26 7.96
CA ALA A 28 16.43 17.86 6.80
C ALA A 28 16.45 16.36 6.58
N GLY A 29 16.31 15.58 7.64
CA GLY A 29 16.37 14.11 7.54
C GLY A 29 15.07 13.37 7.74
N THR A 30 13.95 14.07 7.87
CA THR A 30 12.74 13.45 8.40
C THR A 30 11.49 13.95 7.71
N LEU A 31 10.59 13.03 7.45
CA LEU A 31 9.28 13.31 6.85
C LEU A 31 8.18 12.84 7.78
N LEU A 32 7.01 13.41 7.58
CA LEU A 32 5.79 13.03 8.29
C LEU A 32 4.78 12.56 7.26
N PHE A 33 4.38 11.31 7.32
CA PHE A 33 3.42 10.69 6.40
C PHE A 33 2.07 10.65 7.06
N VAL A 34 1.12 11.43 6.56
CA VAL A 34 -0.21 11.51 7.15
C VAL A 34 -1.19 10.82 6.20
N ALA A 35 -1.70 9.67 6.64
CA ALA A 35 -2.69 8.93 5.89
C ALA A 35 -4.08 9.55 6.12
N THR A 36 -4.68 10.09 5.08
CA THR A 36 -6.02 10.65 5.22
C THR A 36 -7.04 9.53 5.01
N ASP A 37 -8.30 9.91 5.10
CA ASP A 37 -9.44 9.01 4.89
C ASP A 37 -9.98 9.02 3.48
N ARG A 38 -9.26 9.64 2.55
CA ARG A 38 -9.63 9.57 1.16
C ARG A 38 -9.54 8.15 0.63
N ILE A 39 -10.30 7.90 -0.43
CA ILE A 39 -10.35 6.59 -1.06
C ILE A 39 -10.43 6.82 -2.56
N SER A 40 -9.81 5.94 -3.33
CA SER A 40 -9.88 6.04 -4.78
C SER A 40 -10.43 4.77 -5.35
N ALA A 41 -11.06 4.90 -6.51
CA ALA A 41 -11.49 3.76 -7.30
C ALA A 41 -11.38 4.19 -8.75
N TYR A 42 -11.00 3.26 -9.61
CA TYR A 42 -10.81 3.57 -11.04
C TYR A 42 -9.94 4.81 -11.26
N ASP A 43 -8.88 4.91 -10.43
CA ASP A 43 -7.85 5.95 -10.49
C ASP A 43 -8.31 7.37 -10.20
N VAL A 44 -9.47 7.54 -9.55
CA VAL A 44 -9.97 8.87 -9.16
C VAL A 44 -10.36 8.79 -7.70
N ILE A 45 -10.15 9.90 -7.03
CA ILE A 45 -10.45 10.05 -5.62
C ILE A 45 -11.94 10.36 -5.47
N MET A 46 -12.60 9.76 -4.49
CA MET A 46 -13.99 10.08 -4.19
C MET A 46 -14.02 11.46 -3.50
N GLU A 47 -15.17 12.12 -3.60
CA GLU A 47 -15.29 13.45 -2.97
C GLU A 47 -15.28 13.39 -1.46
N ASN A 48 -15.91 12.36 -0.90
CA ASN A 48 -16.00 12.19 0.52
C ASN A 48 -15.14 11.04 1.01
N SER A 49 -15.11 10.84 2.30
CA SER A 49 -14.10 9.99 2.93
C SER A 49 -14.71 8.73 3.54
N ILE A 50 -13.83 7.81 3.91
CA ILE A 50 -14.17 6.64 4.72
C ILE A 50 -13.62 6.89 6.12
N PRO A 51 -14.45 7.27 7.09
CA PRO A 51 -13.90 7.67 8.39
C PRO A 51 -12.98 6.66 9.00
N GLU A 52 -11.81 7.15 9.41
CA GLU A 52 -10.77 6.40 10.06
C GLU A 52 -10.00 5.41 9.17
N LYS A 53 -10.29 5.38 7.88
CA LYS A 53 -9.55 4.52 6.97
C LYS A 53 -8.03 4.77 7.14
N GLY A 54 -7.61 6.02 7.22
CA GLY A 54 -6.19 6.30 7.30
C GLY A 54 -5.57 5.87 8.62
N ILE A 55 -6.34 5.91 9.68
CA ILE A 55 -5.86 5.36 10.96
C ILE A 55 -5.68 3.86 10.83
N LEU A 56 -6.68 3.18 10.31
CA LEU A 56 -6.62 1.74 10.19
C LEU A 56 -5.48 1.32 9.30
N LEU A 57 -5.28 2.00 8.19
CA LEU A 57 -4.21 1.63 7.30
C LEU A 57 -2.83 1.96 7.87
N THR A 58 -2.73 3.04 8.60
CA THR A 58 -1.47 3.35 9.28
C THR A 58 -1.14 2.26 10.27
N LYS A 59 -2.11 1.89 11.08
CA LYS A 59 -1.86 0.89 12.11
C LYS A 59 -1.59 -0.47 11.48
N LEU A 60 -2.23 -0.77 10.35
CA LEU A 60 -1.93 -2.03 9.69
C LEU A 60 -0.49 -2.00 9.18
N SER A 61 -0.05 -0.90 8.58
CA SER A 61 1.34 -0.78 8.14
C SER A 61 2.31 -0.92 9.29
N GLU A 62 2.01 -0.30 10.43
CA GLU A 62 2.83 -0.49 11.61
C GLU A 62 2.92 -1.95 12.03
N PHE A 63 1.82 -2.69 11.99
CA PHE A 63 1.86 -4.12 12.25
C PHE A 63 2.81 -4.83 11.31
N TRP A 64 2.75 -4.54 10.03
CA TRP A 64 3.60 -5.26 9.09
C TRP A 64 5.07 -4.90 9.29
N PHE A 65 5.36 -3.64 9.57
CA PHE A 65 6.76 -3.26 9.83
C PHE A 65 7.31 -4.06 11.00
N LYS A 66 6.53 -4.21 12.05
CA LYS A 66 6.96 -5.00 13.22
C LYS A 66 7.04 -6.46 12.84
N PHE A 67 6.07 -6.98 12.10
CA PHE A 67 6.06 -8.37 11.70
C PHE A 67 7.32 -8.72 10.91
N LEU A 68 7.83 -7.75 10.14
CA LEU A 68 8.95 -7.90 9.27
C LEU A 68 10.23 -7.35 9.88
N SER A 69 10.23 -7.03 11.18
CA SER A 69 11.36 -6.30 11.77
C SER A 69 12.68 -7.06 11.74
N ASN A 70 12.61 -8.38 11.77
CA ASN A 70 13.83 -9.18 11.65
C ASN A 70 14.23 -9.54 10.24
N ASP A 71 13.38 -9.19 9.26
CA ASP A 71 13.60 -9.45 7.88
C ASP A 71 14.14 -8.29 7.04
N VAL A 72 13.82 -7.05 7.46
CA VAL A 72 14.21 -5.88 6.68
C VAL A 72 14.21 -4.68 7.60
N ARG A 73 15.17 -3.81 7.41
CA ARG A 73 15.16 -2.49 8.05
C ARG A 73 14.08 -1.66 7.40
N ASN A 74 13.51 -0.77 8.17
CA ASN A 74 12.45 0.10 7.66
C ASN A 74 12.73 1.57 7.97
N HIS A 75 11.94 2.45 7.37
CA HIS A 75 12.15 3.90 7.48
C HIS A 75 11.60 4.54 8.74
N LEU A 76 10.94 3.78 9.62
CA LEU A 76 10.36 4.43 10.79
C LEU A 76 11.42 5.03 11.70
N VAL A 77 11.17 6.23 12.16
CA VAL A 77 11.96 6.78 13.28
C VAL A 77 11.59 6.07 14.57
N ASP A 78 12.60 5.63 15.32
CA ASP A 78 12.44 5.04 16.64
C ASP A 78 11.87 6.16 17.58
N ILE A 79 10.65 5.97 18.06
CA ILE A 79 10.04 6.85 19.04
C ILE A 79 10.44 6.29 20.42
N ALA A 80 11.07 7.13 21.23
CA ALA A 80 11.63 6.69 22.51
C ALA A 80 10.52 6.21 23.42
N PRO A 81 10.82 5.26 24.29
CA PRO A 81 9.82 4.81 25.26
C PRO A 81 9.22 5.98 26.06
N GLY A 82 7.91 5.98 26.22
CA GLY A 82 7.22 7.00 27.00
C GLY A 82 6.85 8.21 26.19
N LYS A 83 7.38 8.30 24.96
CA LYS A 83 7.15 9.45 24.07
C LYS A 83 6.20 9.07 22.96
N THR A 84 5.71 10.09 22.27
CA THR A 84 4.87 9.94 21.06
C THR A 84 5.49 10.72 19.92
N ILE A 85 4.92 10.57 18.73
CA ILE A 85 5.38 11.32 17.60
C ILE A 85 5.34 12.83 17.87
N PHE A 86 4.41 13.27 18.72
CA PHE A 86 4.25 14.69 18.98
C PHE A 86 5.45 15.27 19.71
N ASP A 87 6.18 14.44 20.45
CA ASP A 87 7.38 14.89 21.11
C ASP A 87 8.50 15.15 20.13
N TYR A 88 8.37 14.66 18.88
CA TYR A 88 9.33 14.81 17.83
C TYR A 88 8.90 15.83 16.80
N LEU A 89 7.79 16.52 17.05
CA LEU A 89 7.27 17.52 16.16
C LEU A 89 7.25 18.89 16.87
N PRO A 90 7.20 19.98 16.13
CA PRO A 90 7.05 21.29 16.78
C PRO A 90 5.87 21.32 17.73
N ALA A 91 6.02 22.06 18.81
CA ALA A 91 4.99 22.15 19.82
C ALA A 91 3.63 22.52 19.28
N LYS A 92 3.57 23.38 18.29
CA LYS A 92 2.25 23.81 17.81
C LYS A 92 1.42 22.65 17.31
N LEU A 93 2.03 21.58 16.78
CA LEU A 93 1.26 20.50 16.22
C LEU A 93 0.59 19.65 17.31
N SER A 94 0.90 19.91 18.58
CA SER A 94 0.19 19.27 19.67
C SER A 94 -1.08 20.05 20.07
N GLU A 95 -1.26 21.24 19.53
CA GLU A 95 -2.49 22.00 19.81
C GLU A 95 -3.63 21.25 19.17
N PRO A 96 -4.79 21.23 19.80
CA PRO A 96 -5.91 20.41 19.33
C PRO A 96 -6.29 20.53 17.86
N LYS A 97 -6.27 21.73 17.29
CA LYS A 97 -6.70 21.88 15.91
C LYS A 97 -5.80 21.10 14.95
N TYR A 98 -4.57 20.89 15.35
CA TYR A 98 -3.58 20.15 14.54
C TYR A 98 -3.48 18.70 15.01
N LYS A 99 -3.40 18.46 16.31
CA LYS A 99 -3.27 17.11 16.83
C LYS A 99 -4.39 16.21 16.33
N THR A 100 -5.61 16.75 16.25
CA THR A 100 -6.76 15.93 15.84
C THR A 100 -6.62 15.48 14.38
N GLN A 101 -5.88 16.24 13.60
CA GLN A 101 -5.64 15.91 12.19
C GLN A 101 -4.52 14.92 11.94
N LEU A 102 -3.69 14.71 12.98
CA LEU A 102 -2.49 13.92 12.88
C LEU A 102 -2.50 12.63 13.68
N GLU A 103 -3.17 12.65 14.82
CA GLU A 103 -3.05 11.55 15.77
C GLU A 103 -3.53 10.25 15.16
N ASP A 104 -2.73 9.20 15.36
CA ASP A 104 -3.01 7.82 14.98
C ASP A 104 -2.96 7.53 13.49
N ARG A 105 -2.77 8.55 12.67
CA ARG A 105 -2.69 8.41 11.22
C ARG A 105 -1.40 8.92 10.62
N SER A 106 -0.40 9.14 11.48
CA SER A 106 0.85 9.75 11.04
C SER A 106 2.05 8.92 11.43
N LEU A 107 2.98 8.83 10.51
CA LEU A 107 4.22 8.15 10.74
C LEU A 107 5.39 9.08 10.50
N LEU A 108 6.30 9.11 11.46
CA LEU A 108 7.54 9.83 11.39
C LEU A 108 8.58 8.94 10.75
N VAL A 109 9.15 9.38 9.63
CA VAL A 109 10.02 8.51 8.86
C VAL A 109 11.31 9.19 8.46
N HIS A 110 12.38 8.40 8.43
CA HIS A 110 13.65 8.88 7.92
C HIS A 110 13.58 9.02 6.41
N LYS A 111 14.09 10.14 5.92
CA LYS A 111 14.33 10.36 4.50
C LYS A 111 15.38 9.45 4.05
N HIS A 112 15.08 8.66 3.04
CA HIS A 112 16.07 7.81 2.48
C HIS A 112 16.23 8.11 1.01
N LYS A 113 17.37 7.68 0.50
CA LYS A 113 17.50 7.66 -0.94
C LYS A 113 16.69 6.52 -1.50
N LEU A 114 15.69 6.78 -2.35
CA LEU A 114 14.84 5.73 -2.82
C LEU A 114 15.49 5.12 -4.04
N ILE A 115 15.17 3.89 -4.20
CA ILE A 115 15.41 3.15 -5.39
C ILE A 115 14.17 3.46 -6.25
N PRO A 116 14.31 4.17 -7.38
CA PRO A 116 13.15 4.60 -8.16
C PRO A 116 12.58 3.51 -9.05
N LEU A 117 11.84 2.64 -8.39
CA LEU A 117 11.22 1.48 -8.94
C LEU A 117 10.00 1.11 -8.09
N GLU A 118 8.89 0.73 -8.74
CA GLU A 118 7.76 0.14 -8.04
C GLU A 118 7.94 -1.36 -8.04
N VAL A 119 8.16 -1.93 -6.87
CA VAL A 119 8.52 -3.34 -6.75
C VAL A 119 7.29 -4.17 -6.46
N ILE A 120 6.60 -4.56 -7.52
CA ILE A 120 5.40 -5.37 -7.41
C ILE A 120 5.84 -6.84 -7.34
N VAL A 121 5.24 -7.57 -6.42
CA VAL A 121 5.34 -9.01 -6.36
C VAL A 121 3.94 -9.55 -6.55
N ARG A 122 3.81 -10.52 -7.43
CA ARG A 122 2.55 -11.15 -7.70
C ARG A 122 2.58 -12.58 -7.23
N GLY A 123 1.66 -12.95 -6.35
CA GLY A 123 1.47 -14.34 -6.00
C GLY A 123 0.46 -15.08 -6.86
N TYR A 124 -0.48 -14.34 -7.45
CA TYR A 124 -1.63 -14.86 -8.18
C TYR A 124 -1.74 -14.07 -9.44
N ILE A 125 -2.21 -14.70 -10.49
CA ILE A 125 -2.33 -14.07 -11.78
C ILE A 125 -3.68 -13.39 -11.91
N THR A 126 -3.65 -12.09 -12.05
CA THR A 126 -4.84 -11.26 -12.07
C THR A 126 -4.50 -9.90 -12.67
N GLY A 127 -5.47 -9.01 -12.78
CA GLY A 127 -5.18 -7.66 -13.20
C GLY A 127 -4.53 -7.61 -14.57
N SER A 128 -3.62 -6.68 -14.76
CA SER A 128 -2.94 -6.51 -16.02
C SER A 128 -2.05 -7.72 -16.37
N ALA A 129 -1.63 -8.48 -15.37
CA ALA A 129 -0.82 -9.67 -15.59
C ALA A 129 -1.67 -10.71 -16.30
N TRP A 130 -2.89 -10.92 -15.84
CA TRP A 130 -3.81 -11.86 -16.51
C TRP A 130 -4.14 -11.41 -17.92
N LYS A 131 -4.41 -10.13 -18.13
CA LYS A 131 -4.73 -9.62 -19.45
C LYS A 131 -3.56 -9.88 -20.43
N GLU A 132 -2.34 -9.62 -19.99
CA GLU A 132 -1.18 -9.84 -20.84
C GLU A 132 -1.02 -11.32 -21.13
N TYR A 133 -1.19 -12.15 -20.12
CA TYR A 133 -1.06 -13.59 -20.24
C TYR A 133 -2.03 -14.19 -21.25
N VAL A 134 -3.27 -13.74 -21.21
CA VAL A 134 -4.26 -14.25 -22.14
C VAL A 134 -3.81 -13.89 -23.56
N LYS A 135 -3.25 -12.71 -23.76
CA LYS A 135 -2.89 -12.28 -25.13
C LYS A 135 -1.61 -12.99 -25.64
N THR A 136 -0.54 -12.98 -24.85
CA THR A 136 0.78 -13.46 -25.31
C THR A 136 1.44 -14.48 -24.42
N GLY A 137 0.81 -14.92 -23.33
CA GLY A 137 1.40 -15.94 -22.48
C GLY A 137 2.56 -15.47 -21.64
N THR A 138 2.68 -14.17 -21.50
CA THR A 138 3.73 -13.56 -20.69
C THR A 138 3.16 -12.66 -19.59
N VAL A 139 3.99 -12.36 -18.59
CA VAL A 139 3.64 -11.37 -17.56
C VAL A 139 4.89 -10.49 -17.42
N HIS A 140 4.72 -9.20 -17.70
CA HIS A 140 5.83 -8.24 -17.82
C HIS A 140 6.92 -8.79 -18.75
N GLY A 141 6.48 -9.46 -19.81
CA GLY A 141 7.39 -10.03 -20.79
C GLY A 141 7.96 -11.38 -20.42
N LEU A 142 7.76 -11.84 -19.19
CA LEU A 142 8.32 -13.10 -18.68
C LEU A 142 7.43 -14.26 -19.12
N LYS A 143 8.01 -15.24 -19.78
CA LYS A 143 7.24 -16.39 -20.25
C LYS A 143 6.72 -17.21 -19.07
N GLN A 144 5.45 -17.59 -19.17
CA GLN A 144 4.77 -18.31 -18.13
C GLN A 144 4.35 -19.70 -18.62
N PRO A 145 4.07 -20.60 -17.72
CA PRO A 145 3.53 -21.89 -18.12
C PRO A 145 2.18 -21.72 -18.79
N GLN A 146 1.87 -22.63 -19.68
CA GLN A 146 0.61 -22.68 -20.35
C GLN A 146 -0.44 -23.23 -19.40
N GLY A 147 -1.68 -22.80 -19.60
CA GLY A 147 -2.81 -23.36 -18.90
C GLY A 147 -3.15 -22.78 -17.54
N LEU A 148 -2.52 -21.69 -17.15
CA LEU A 148 -2.91 -21.01 -15.91
C LEU A 148 -4.34 -20.48 -16.05
N LYS A 149 -5.09 -20.55 -14.96
CA LYS A 149 -6.45 -20.04 -14.99
C LYS A 149 -6.55 -18.75 -14.20
N GLU A 150 -7.57 -17.96 -14.46
CA GLU A 150 -7.66 -16.63 -13.84
C GLU A 150 -7.66 -16.72 -12.34
N SER A 151 -6.84 -15.87 -11.74
CA SER A 151 -6.67 -15.80 -10.29
C SER A 151 -5.91 -16.96 -9.67
N GLN A 152 -5.34 -17.87 -10.50
CA GLN A 152 -4.56 -18.99 -10.03
C GLN A 152 -3.27 -18.50 -9.39
N GLU A 153 -2.79 -19.21 -8.38
CA GLU A 153 -1.49 -18.98 -7.77
C GLU A 153 -0.39 -19.30 -8.77
N PHE A 154 0.61 -18.44 -8.90
CA PHE A 154 1.77 -18.76 -9.74
C PHE A 154 2.51 -19.85 -9.02
N PRO A 155 3.30 -20.64 -9.75
CA PRO A 155 4.11 -21.66 -9.08
C PRO A 155 4.95 -21.08 -7.90
N GLU A 156 5.51 -19.89 -8.08
CA GLU A 156 6.23 -19.15 -7.02
C GLU A 156 5.89 -17.68 -7.23
N PRO A 157 5.81 -16.85 -6.19
CA PRO A 157 5.56 -15.43 -6.44
C PRO A 157 6.67 -14.83 -7.26
N ILE A 158 6.30 -13.89 -8.11
CA ILE A 158 7.23 -13.29 -9.03
C ILE A 158 7.34 -11.77 -8.91
N PHE A 159 8.56 -11.29 -9.03
CA PHE A 159 8.91 -9.89 -9.16
C PHE A 159 8.52 -9.42 -10.55
N THR A 160 7.63 -8.43 -10.60
CA THR A 160 7.17 -7.85 -11.83
C THR A 160 7.19 -6.34 -11.70
N PRO A 161 8.32 -5.71 -11.98
CA PRO A 161 8.46 -4.28 -11.67
C PRO A 161 7.60 -3.38 -12.51
N SER A 162 7.41 -2.17 -12.01
CA SER A 162 6.68 -1.11 -12.68
C SER A 162 7.45 0.22 -12.49
N THR A 163 7.21 1.15 -13.40
CA THR A 163 7.66 2.54 -13.28
C THR A 163 6.45 3.43 -13.16
N LYS A 164 6.51 4.30 -12.17
CA LYS A 164 5.44 5.23 -11.83
C LYS A 164 5.18 6.20 -12.96
N ALA A 165 3.93 6.62 -13.10
CA ALA A 165 3.52 7.61 -14.09
C ALA A 165 3.88 9.02 -13.60
N ASP A 171 0.81 3.95 -14.83
CA ASP A 171 2.07 3.27 -14.52
C ASP A 171 2.40 2.25 -15.62
N GLU A 172 3.70 1.97 -15.78
CA GLU A 172 4.19 1.15 -16.87
C GLU A 172 4.77 -0.14 -16.30
N ASN A 173 4.17 -1.27 -16.66
CA ASN A 173 4.72 -2.57 -16.33
C ASN A 173 6.00 -2.77 -17.14
N ILE A 174 7.08 -3.11 -16.47
CA ILE A 174 8.36 -3.32 -17.11
C ILE A 174 8.93 -4.66 -16.76
N SER A 175 9.88 -5.10 -17.57
CA SER A 175 10.56 -6.34 -17.29
C SER A 175 11.64 -6.21 -16.21
N PRO A 176 12.01 -7.33 -15.58
CA PRO A 176 13.19 -7.33 -14.71
C PRO A 176 14.44 -6.74 -15.39
N ALA A 177 14.64 -7.01 -16.67
CA ALA A 177 15.82 -6.47 -17.35
C ALA A 177 15.77 -4.94 -17.43
N GLN A 178 14.57 -4.40 -17.66
CA GLN A 178 14.43 -2.97 -17.70
C GLN A 178 14.66 -2.39 -16.30
N ALA A 179 14.19 -3.07 -15.25
CA ALA A 179 14.48 -2.59 -13.91
C ALA A 179 15.97 -2.52 -13.65
N ALA A 180 16.72 -3.49 -14.13
CA ALA A 180 18.15 -3.49 -13.98
C ALA A 180 18.79 -2.31 -14.74
N GLU A 181 18.26 -1.97 -15.90
CA GLU A 181 18.70 -0.76 -16.59
C GLU A 181 18.46 0.49 -15.78
N LEU A 182 17.33 0.56 -15.11
CA LEU A 182 16.98 1.75 -14.35
C LEU A 182 17.77 1.92 -13.07
N VAL A 183 18.01 0.83 -12.34
CA VAL A 183 18.60 0.97 -11.01
C VAL A 183 19.86 0.14 -10.77
N GLY A 184 20.32 -0.55 -11.79
CA GLY A 184 21.52 -1.38 -11.70
C GLY A 184 21.16 -2.83 -11.53
N GLU A 185 21.93 -3.69 -12.16
CA GLU A 185 21.64 -5.10 -12.11
C GLU A 185 21.72 -5.65 -10.69
N ASP A 186 22.75 -5.30 -9.93
CA ASP A 186 22.86 -5.96 -8.65
C ASP A 186 21.76 -5.42 -7.71
N LEU A 187 21.47 -4.15 -7.77
CA LEU A 187 20.48 -3.60 -6.91
C LEU A 187 19.05 -4.15 -7.25
N SER A 188 18.72 -4.23 -8.53
CA SER A 188 17.48 -4.85 -8.95
C SER A 188 17.36 -6.28 -8.48
N ARG A 189 18.45 -7.03 -8.57
CA ARG A 189 18.43 -8.41 -8.13
C ARG A 189 18.15 -8.48 -6.63
N ARG A 190 18.78 -7.60 -5.86
CA ARG A 190 18.64 -7.62 -4.41
C ARG A 190 17.21 -7.24 -4.02
N VAL A 191 16.63 -6.24 -4.67
CA VAL A 191 15.28 -5.85 -4.28
C VAL A 191 14.27 -6.92 -4.69
N ALA A 192 14.49 -7.53 -5.84
CA ALA A 192 13.59 -8.62 -6.31
C ALA A 192 13.59 -9.74 -5.32
N GLU A 193 14.78 -10.20 -4.93
CA GLU A 193 14.87 -11.34 -4.00
C GLU A 193 14.25 -11.01 -2.64
N LEU A 194 14.53 -9.83 -2.12
CA LEU A 194 13.99 -9.41 -0.84
C LEU A 194 12.48 -9.29 -0.92
N ALA A 195 11.99 -8.62 -1.95
CA ALA A 195 10.55 -8.40 -2.07
C ALA A 195 9.79 -9.72 -2.14
N VAL A 196 10.31 -10.69 -2.89
CA VAL A 196 9.62 -11.96 -2.95
C VAL A 196 9.59 -12.64 -1.56
N LYS A 197 10.69 -12.57 -0.83
CA LYS A 197 10.73 -13.13 0.54
C LYS A 197 9.69 -12.45 1.45
N LEU A 198 9.64 -11.11 1.42
CA LEU A 198 8.73 -10.40 2.28
C LEU A 198 7.28 -10.69 1.91
N TYR A 199 6.97 -10.63 0.61
CA TYR A 199 5.61 -10.94 0.15
C TYR A 199 5.20 -12.34 0.56
N SER A 200 6.05 -13.33 0.33
CA SER A 200 5.63 -14.72 0.62
C SER A 200 5.30 -14.88 2.09
N LYS A 201 6.12 -14.35 2.98
CA LYS A 201 5.91 -14.47 4.43
C LYS A 201 4.56 -13.85 4.81
N CYS A 202 4.29 -12.67 4.28
CA CYS A 202 3.07 -11.96 4.65
C CYS A 202 1.83 -12.54 3.99
N LYS A 203 1.96 -12.95 2.73
CA LYS A 203 0.87 -13.65 2.04
C LYS A 203 0.46 -14.92 2.82
N ASP A 204 1.43 -15.69 3.29
CA ASP A 204 1.09 -16.92 4.00
C ASP A 204 0.39 -16.58 5.30
N TYR A 205 0.87 -15.57 6.01
CA TYR A 205 0.25 -15.18 7.28
C TYR A 205 -1.19 -14.71 7.07
N ALA A 206 -1.39 -13.86 6.08
CA ALA A 206 -2.71 -13.34 5.82
C ALA A 206 -3.68 -14.42 5.38
N LYS A 207 -3.20 -15.35 4.57
CA LYS A 207 -4.06 -16.43 4.05
C LYS A 207 -4.60 -17.25 5.24
N GLU A 208 -3.76 -17.50 6.26
CA GLU A 208 -4.20 -18.28 7.43
C GLU A 208 -5.28 -17.54 8.20
N LYS A 209 -5.27 -16.21 8.12
CA LYS A 209 -6.30 -15.36 8.66
C LYS A 209 -7.52 -15.18 7.75
N GLY A 210 -7.54 -15.77 6.54
CA GLY A 210 -8.64 -15.63 5.61
C GLY A 210 -8.63 -14.52 4.58
N ILE A 211 -7.51 -13.83 4.43
CA ILE A 211 -7.36 -12.83 3.39
C ILE A 211 -6.27 -13.26 2.42
N ILE A 212 -6.58 -13.24 1.13
CA ILE A 212 -5.60 -13.50 0.08
C ILE A 212 -5.06 -12.21 -0.41
N ILE A 213 -3.76 -12.01 -0.24
CA ILE A 213 -3.08 -10.83 -0.79
C ILE A 213 -2.50 -11.27 -2.13
N ALA A 214 -3.21 -10.92 -3.21
CA ALA A 214 -2.88 -11.46 -4.54
C ALA A 214 -1.57 -10.91 -5.07
N ASP A 215 -1.27 -9.68 -4.71
CA ASP A 215 -0.09 -9.00 -5.15
C ASP A 215 0.10 -7.80 -4.25
N THR A 216 1.28 -7.23 -4.27
CA THR A 216 1.57 -6.05 -3.50
C THR A 216 2.64 -5.23 -4.19
N LYS A 217 2.65 -3.93 -3.91
CA LYS A 217 3.63 -2.99 -4.39
C LYS A 217 4.44 -2.47 -3.24
N PHE A 218 5.72 -2.77 -3.28
CA PHE A 218 6.67 -2.23 -2.32
C PHE A 218 7.49 -1.12 -2.94
N GLU A 219 7.99 -0.22 -2.11
CA GLU A 219 9.08 0.65 -2.50
C GLU A 219 10.18 0.50 -1.47
N PHE A 220 11.40 0.63 -1.95
CA PHE A 220 12.61 0.48 -1.17
C PHE A 220 13.51 1.69 -1.29
N GLY A 221 14.28 1.94 -0.23
CA GLY A 221 15.39 2.85 -0.26
C GLY A 221 16.68 2.10 -0.08
N ILE A 222 17.79 2.82 -0.14
CA ILE A 222 19.14 2.25 0.09
C ILE A 222 19.85 3.18 1.03
N ASP A 223 20.38 2.63 2.10
CA ASP A 223 21.28 3.34 2.99
C ASP A 223 22.66 3.05 2.44
N GLU A 224 23.28 4.04 1.83
CA GLU A 224 24.55 3.83 1.13
C GLU A 224 25.73 3.65 2.08
N LYS A 225 25.61 4.12 3.31
CA LYS A 225 26.66 3.99 4.32
C LYS A 225 26.77 2.57 4.84
N THR A 226 25.66 1.83 4.85
CA THR A 226 25.65 0.45 5.32
C THR A 226 25.32 -0.52 4.22
N ASN A 227 25.02 -0.03 3.02
CA ASN A 227 24.60 -0.88 1.91
C ASN A 227 23.41 -1.77 2.27
N GLU A 228 22.44 -1.20 2.96
CA GLU A 228 21.26 -1.92 3.35
C GLU A 228 20.06 -1.40 2.61
N ILE A 229 19.26 -2.31 2.11
CA ILE A 229 17.98 -1.98 1.55
C ILE A 229 16.98 -1.73 2.68
N ILE A 230 16.18 -0.69 2.50
CA ILE A 230 15.21 -0.22 3.49
C ILE A 230 13.81 -0.30 2.95
N LEU A 231 12.91 -0.87 3.70
CA LEU A 231 11.52 -0.90 3.33
C LEU A 231 10.94 0.45 3.69
N VAL A 232 10.36 1.11 2.71
CA VAL A 232 9.81 2.44 2.85
C VAL A 232 8.37 2.44 2.37
N ASP A 233 7.82 3.62 2.19
CA ASP A 233 6.46 3.78 1.64
C ASP A 233 5.36 2.98 2.38
N GLU A 234 4.31 2.57 1.64
CA GLU A 234 3.13 1.90 2.18
C GLU A 234 3.43 0.40 2.18
N VAL A 235 3.12 -0.34 3.26
CA VAL A 235 3.36 -1.79 3.28
C VAL A 235 2.10 -2.63 3.51
N LEU A 236 1.76 -3.41 2.49
CA LEU A 236 0.76 -4.46 2.57
C LEU A 236 -0.60 -3.99 3.08
N THR A 237 -1.04 -2.84 2.57
CA THR A 237 -2.41 -2.40 2.85
C THR A 237 -3.28 -2.66 1.64
N PRO A 238 -4.59 -2.58 1.82
CA PRO A 238 -5.47 -2.73 0.67
C PRO A 238 -5.33 -1.66 -0.40
N ASP A 239 -4.69 -0.54 -0.11
CA ASP A 239 -4.36 0.43 -1.12
C ASP A 239 -3.10 0.11 -1.90
N SER A 240 -2.12 -0.56 -1.28
CA SER A 240 -0.87 -0.93 -1.93
C SER A 240 -0.86 -2.35 -2.49
N SER A 241 -1.97 -3.05 -2.34
CA SER A 241 -2.07 -4.48 -2.60
C SER A 241 -3.45 -4.82 -3.08
N ARG A 242 -3.56 -5.96 -3.72
CA ARG A 242 -4.86 -6.52 -4.07
C ARG A 242 -5.30 -7.50 -3.01
N PHE A 243 -6.20 -7.08 -2.14
CA PHE A 243 -6.80 -7.96 -1.17
C PHE A 243 -8.07 -8.60 -1.72
N TRP A 244 -8.16 -9.89 -1.47
CA TRP A 244 -9.33 -10.72 -1.80
C TRP A 244 -9.85 -11.41 -0.56
N ASN A 245 -11.17 -11.65 -0.54
CA ASN A 245 -11.80 -12.48 0.48
C ASN A 245 -11.41 -13.93 0.25
N GLY A 246 -10.75 -14.55 1.22
CA GLY A 246 -10.43 -15.96 1.13
C GLY A 246 -11.64 -16.87 0.95
N ALA A 247 -12.74 -16.54 1.59
CA ALA A 247 -13.94 -17.38 1.61
C ALA A 247 -14.46 -17.65 0.23
N SER A 248 -14.41 -16.63 -0.61
CA SER A 248 -15.05 -16.66 -1.92
C SER A 248 -14.03 -16.91 -3.04
N TYR A 249 -12.80 -17.24 -2.68
CA TYR A 249 -11.73 -17.51 -3.68
C TYR A 249 -12.13 -18.70 -4.56
N LYS A 250 -12.12 -18.46 -5.85
CA LYS A 250 -12.44 -19.48 -6.83
C LYS A 250 -11.61 -19.24 -8.06
N VAL A 251 -10.76 -20.22 -8.36
CA VAL A 251 -9.91 -20.14 -9.52
C VAL A 251 -10.75 -20.20 -10.80
N GLY A 252 -10.32 -19.49 -11.84
CA GLY A 252 -11.02 -19.44 -13.12
C GLY A 252 -12.02 -18.30 -13.30
N GLU A 253 -12.06 -17.37 -12.36
CA GLU A 253 -12.90 -16.21 -12.51
C GLU A 253 -12.25 -15.06 -11.77
N SER A 254 -12.87 -13.88 -11.89
CA SER A 254 -12.42 -12.70 -11.16
C SER A 254 -12.83 -12.80 -9.69
N GLN A 255 -12.11 -12.08 -8.85
CA GLN A 255 -12.42 -12.02 -7.43
C GLN A 255 -12.90 -10.63 -7.05
N ASP A 256 -13.81 -10.58 -6.11
CA ASP A 256 -14.23 -9.28 -5.57
C ASP A 256 -13.06 -8.61 -4.85
N SER A 257 -13.03 -7.29 -4.91
CA SER A 257 -12.11 -6.51 -4.13
C SER A 257 -12.54 -6.58 -2.69
N TYR A 258 -11.62 -6.97 -1.81
CA TYR A 258 -11.96 -7.11 -0.39
C TYR A 258 -12.54 -5.81 0.15
N ASP A 259 -11.85 -4.73 -0.14
CA ASP A 259 -12.24 -3.45 0.43
C ASP A 259 -13.08 -2.55 -0.42
N LYS A 260 -12.96 -2.63 -1.74
CA LYS A 260 -13.58 -1.66 -2.63
C LYS A 260 -14.75 -2.23 -3.49
N GLN A 261 -15.15 -3.46 -3.30
CA GLN A 261 -16.20 -4.00 -4.17
C GLN A 261 -17.55 -3.28 -3.98
N PHE A 262 -17.93 -2.94 -2.76
CA PHE A 262 -19.22 -2.22 -2.59
C PHE A 262 -19.20 -0.88 -3.35
N LEU A 263 -18.09 -0.16 -3.24
CA LEU A 263 -17.90 1.09 -3.91
C LEU A 263 -17.92 0.89 -5.43
N ARG A 264 -17.11 -0.05 -5.92
CA ARG A 264 -17.03 -0.28 -7.34
C ARG A 264 -18.39 -0.67 -7.91
N ASP A 265 -19.14 -1.50 -7.20
CA ASP A 265 -20.44 -1.94 -7.72
C ASP A 265 -21.38 -0.74 -7.86
N TRP A 266 -21.39 0.13 -6.85
CA TRP A 266 -22.25 1.33 -6.84
C TRP A 266 -21.83 2.27 -7.96
N LEU A 267 -20.54 2.49 -8.14
CA LEU A 267 -20.06 3.36 -9.22
C LEU A 267 -20.49 2.79 -10.57
N THR A 268 -20.28 1.51 -10.75
CA THR A 268 -20.62 0.87 -12.03
C THR A 268 -22.09 0.98 -12.31
N ALA A 269 -22.92 0.72 -11.30
CA ALA A 269 -24.37 0.77 -11.46
C ALA A 269 -24.83 2.14 -11.91
N ASN A 270 -24.10 3.18 -11.56
CA ASN A 270 -24.51 4.57 -11.85
C ASN A 270 -23.71 5.27 -12.92
N LYS A 271 -22.88 4.51 -13.65
CA LYS A 271 -22.00 5.04 -14.68
C LYS A 271 -21.06 6.12 -14.19
N LEU A 272 -20.59 5.93 -12.96
CA LEU A 272 -19.73 6.89 -12.32
C LEU A 272 -18.29 6.44 -12.26
N ASN A 273 -17.96 5.24 -12.80
CA ASN A 273 -16.57 4.82 -12.80
C ASN A 273 -15.69 5.85 -13.50
N GLY A 274 -14.60 6.25 -12.86
CA GLY A 274 -13.69 7.20 -13.42
C GLY A 274 -14.10 8.68 -13.36
N VAL A 275 -15.25 8.96 -12.79
CA VAL A 275 -15.76 10.32 -12.74
C VAL A 275 -15.24 11.04 -11.47
N ASN A 276 -14.82 12.28 -11.61
CA ASN A 276 -14.35 13.11 -10.51
C ASN A 276 -15.51 13.69 -9.74
N GLY A 277 -15.24 14.01 -8.49
CA GLY A 277 -16.19 14.73 -7.68
C GLY A 277 -17.37 13.96 -7.16
N VAL A 278 -17.23 12.64 -7.07
CA VAL A 278 -18.33 11.77 -6.72
C VAL A 278 -18.46 11.56 -5.22
N LYS A 279 -19.63 11.84 -4.66
CA LYS A 279 -19.90 11.60 -3.25
C LYS A 279 -20.54 10.25 -3.09
N MET A 280 -19.92 9.39 -2.28
CA MET A 280 -20.44 8.06 -1.98
C MET A 280 -21.65 8.16 -1.06
N PRO A 281 -22.68 7.36 -1.28
CA PRO A 281 -23.77 7.29 -0.30
C PRO A 281 -23.32 6.74 1.04
N GLN A 282 -24.05 7.09 2.08
CA GLN A 282 -23.69 6.71 3.42
C GLN A 282 -23.59 5.20 3.58
N ASP A 283 -24.47 4.46 2.95
CA ASP A 283 -24.43 3.01 3.10
C ASP A 283 -23.12 2.41 2.51
N ILE A 284 -22.66 2.99 1.41
CA ILE A 284 -21.41 2.57 0.77
C ILE A 284 -20.23 2.91 1.70
N VAL A 285 -20.24 4.10 2.27
CA VAL A 285 -19.21 4.51 3.20
C VAL A 285 -19.19 3.52 4.35
N ASP A 286 -20.35 3.24 4.92
CA ASP A 286 -20.41 2.40 6.13
C ASP A 286 -19.93 0.99 5.86
N ARG A 287 -20.36 0.40 4.74
CA ARG A 287 -19.98 -0.97 4.43
C ARG A 287 -18.47 -1.06 4.13
N THR A 288 -17.94 -0.05 3.46
CA THR A 288 -16.52 -0.01 3.14
C THR A 288 -15.72 0.14 4.43
N ARG A 289 -16.14 1.03 5.30
CA ARG A 289 -15.45 1.20 6.57
C ARG A 289 -15.37 -0.09 7.36
N ALA A 290 -16.46 -0.82 7.38
CA ALA A 290 -16.51 -2.07 8.14
C ALA A 290 -15.51 -3.08 7.60
N LYS A 291 -15.27 -3.10 6.30
CA LYS A 291 -14.26 -3.99 5.72
C LYS A 291 -12.87 -3.61 6.16
N TYR A 292 -12.56 -2.31 6.26
CA TYR A 292 -11.25 -1.90 6.75
C TYR A 292 -11.07 -2.31 8.20
N ILE A 293 -12.12 -2.15 9.02
CA ILE A 293 -11.98 -2.57 10.41
C ILE A 293 -11.76 -4.07 10.49
N GLU A 294 -12.49 -4.85 9.70
CA GLU A 294 -12.31 -6.30 9.75
C GLU A 294 -10.91 -6.68 9.24
N ALA A 295 -10.38 -6.03 8.22
CA ALA A 295 -9.01 -6.37 7.76
C ALA A 295 -8.03 -6.05 8.88
N TYR A 296 -8.18 -4.92 9.53
CA TYR A 296 -7.28 -4.51 10.61
C TYR A 296 -7.37 -5.52 11.76
N GLU A 297 -8.59 -5.86 12.18
CA GLU A 297 -8.71 -6.74 13.34
C GLU A 297 -8.21 -8.11 13.02
N THR A 298 -8.53 -8.61 11.83
CA THR A 298 -8.14 -9.97 11.46
C THR A 298 -6.61 -10.12 11.31
N LEU A 299 -5.98 -9.14 10.69
CA LEU A 299 -4.55 -9.24 10.48
C LEU A 299 -3.74 -8.91 11.70
N THR A 300 -4.14 -7.94 12.50
CA THR A 300 -3.31 -7.54 13.66
C THR A 300 -3.66 -8.28 14.92
N GLY A 301 -4.85 -8.86 14.95
CA GLY A 301 -5.41 -9.51 16.14
C GLY A 301 -5.90 -8.54 17.20
N SER A 302 -5.87 -7.25 16.91
CA SER A 302 -6.28 -6.21 17.84
C SER A 302 -7.77 -5.98 17.69
N LYS A 303 -8.37 -5.34 18.67
CA LYS A 303 -9.76 -4.92 18.57
C LYS A 303 -9.78 -3.42 18.34
N TRP A 304 -10.61 -3.01 17.39
CA TRP A 304 -10.79 -1.60 17.12
C TRP A 304 -11.80 -1.07 18.11
PG ATP B . -0.03 7.49 -4.61
O1G ATP B . -1.24 7.78 -3.79
O2G ATP B . 0.91 6.47 -3.92
O3G ATP B . -0.47 6.95 -5.97
PB ATP B . 2.14 9.25 -4.26
O1B ATP B . 2.51 10.59 -4.79
O2B ATP B . 3.19 8.17 -4.45
O3B ATP B . 0.75 8.88 -4.91
PA ATP B . 2.37 8.70 -1.45
O1A ATP B . 1.36 8.79 -0.38
O2A ATP B . 2.72 7.27 -1.81
O3A ATP B . 1.77 9.44 -2.72
O5' ATP B . 3.65 9.58 -1.07
C5' ATP B . 4.84 8.93 -0.68
C4' ATP B . 5.99 9.60 -1.39
O4' ATP B . 7.15 9.45 -0.60
C3' ATP B . 6.29 8.91 -2.68
O3' ATP B . 6.87 9.88 -3.55
C2' ATP B . 7.25 7.79 -2.26
O2' ATP B . 8.08 7.25 -3.22
C1' ATP B . 8.07 8.57 -1.25
N9 ATP B . 8.68 7.89 -0.09
C8 ATP B . 8.15 6.79 0.51
N7 ATP B . 8.91 6.51 1.55
C5 ATP B . 9.96 7.38 1.66
C6 ATP B . 11.06 7.57 2.51
N6 ATP B . 11.26 6.98 3.66
N1 ATP B . 11.92 8.60 2.25
C2 ATP B . 11.71 9.46 1.21
N3 ATP B . 10.66 9.29 0.36
C4 ATP B . 9.80 8.27 0.59
S SO4 C . -2.12 -4.65 -11.66
O1 SO4 C . -2.50 -4.12 -12.94
O2 SO4 C . -2.43 -6.07 -11.66
O3 SO4 C . -0.70 -4.54 -11.35
O4 SO4 C . -2.87 -4.03 -10.56
S SO4 D . 16.92 3.04 11.85
O1 SO4 D . 16.97 4.21 10.95
O2 SO4 D . 16.49 1.89 11.04
O3 SO4 D . 18.23 2.71 12.48
O4 SO4 D . 15.90 3.25 12.88
MG MG E . 2.85 6.23 -3.53
MG MG F . 1.65 1.65 4.48
P AMP G . 7.07 1.71 19.69
O1P AMP G . 7.32 0.97 21.03
O2P AMP G . 7.59 0.87 18.58
O3P AMP G . 7.81 3.07 19.70
O5' AMP G . 5.50 2.00 19.49
C5' AMP G . 4.76 2.69 20.48
C4' AMP G . 3.67 3.55 19.85
O4' AMP G . 4.25 4.58 19.06
C3' AMP G . 2.75 2.75 18.94
O3' AMP G . 1.40 2.95 19.32
C2' AMP G . 3.01 3.27 17.54
O2' AMP G . 1.82 3.48 16.83
C1' AMP G . 3.76 4.58 17.74
N9 AMP G . 4.91 4.78 16.83
C8 AMP G . 6.07 4.07 16.82
N7 AMP G . 6.89 4.54 15.84
C5 AMP G . 6.27 5.57 15.24
C6 AMP G . 6.68 6.38 14.20
N6 AMP G . 7.87 6.20 13.65
N1 AMP G . 5.81 7.38 13.79
C2 AMP G . 4.56 7.53 14.37
N3 AMP G . 4.15 6.72 15.40
C4 AMP G . 5.01 5.74 15.83
#